data_4X6T
#
_entry.id   4X6T
#
_cell.length_a   43.264
_cell.length_b   71.417
_cell.length_c   84.683
_cell.angle_alpha   90.00
_cell.angle_beta   90.00
_cell.angle_gamma   90.00
#
_symmetry.space_group_name_H-M   'P 21 21 21'
#
loop_
_entity.id
_entity.type
_entity.pdbx_description
1 polymer Beta-lactamase
2 non-polymer 'PHOSPHATE ION'
3 non-polymer '3-[(2R)-2-(dihydroxyboranyl)-2-{[(2R)-2-{[(4-ethyl-2,3-dioxo-3,4-dihydropyrazin-1(2H)-yl)carbonyl]amino}-2-(4-hydroxyphenyl)acetyl]amino}ethyl]benzoic acid'
4 water water
#
_entity_poly.entity_id   1
_entity_poly.type   'polypeptide(L)'
_entity_poly.pdbx_seq_one_letter_code
;ALADRFAELERRYDARLGVYVPATGTTAAIEYRADERFAFCSTFKAPLVAAVLHQNPLTHLDKLITYTSDDIRSISPVAQ
QHVATGMTIGQLCDAAIRYSDGTAANLLLADLGGPGGGTAAFTGYLRSLGDTVSRLDAEEPELARDPPGDERDTTTPHAI
ALVLQQLVLGNALPPDKRALLTDWMARNTTGAKRIRAGFPADWKVIDKTGTGDYGRANDIAVVWSPTGVPYVVAVMSDRA
GGGYDAEPREALLAEAATCVAGVLA
;
_entity_poly.pdbx_strand_id   A
#
# COMPACT_ATOMS: atom_id res chain seq x y z
N ALA A 1 -10.04 21.07 -15.88
CA ALA A 1 -8.68 20.65 -15.53
C ALA A 1 -8.65 19.23 -14.95
N LEU A 2 -7.74 19.02 -14.01
CA LEU A 2 -7.52 17.69 -13.43
C LEU A 2 -8.74 17.17 -12.68
N ALA A 3 -9.41 18.05 -11.94
CA ALA A 3 -10.58 17.64 -11.19
C ALA A 3 -11.69 17.13 -12.11
N ASP A 4 -11.92 17.81 -13.23
CA ASP A 4 -12.94 17.38 -14.17
C ASP A 4 -12.58 16.05 -14.83
N ARG A 5 -11.29 15.85 -15.10
CA ARG A 5 -10.86 14.58 -15.68
C ARG A 5 -11.02 13.42 -14.69
N PHE A 6 -10.66 13.64 -13.43
CA PHE A 6 -10.86 12.61 -12.41
C PHE A 6 -12.34 12.31 -12.25
N ALA A 7 -13.19 13.34 -12.28
CA ALA A 7 -14.62 13.15 -12.14
C ALA A 7 -15.21 12.35 -13.30
N GLU A 8 -14.68 12.58 -14.50
CA GLU A 8 -15.12 11.80 -15.65
C GLU A 8 -14.69 10.33 -15.52
N LEU A 9 -13.49 10.09 -14.96
CA LEU A 9 -13.08 8.71 -14.68
C LEU A 9 -14.04 8.03 -13.70
N GLU A 10 -14.46 8.76 -12.66
CA GLU A 10 -15.46 8.22 -11.74
C GLU A 10 -16.76 7.84 -12.44
N ARG A 11 -17.21 8.70 -13.34
CA ARG A 11 -18.42 8.39 -14.09
C ARG A 11 -18.22 7.19 -15.00
N ARG A 12 -17.09 7.17 -15.71
CA ARG A 12 -16.77 6.12 -16.67
C ARG A 12 -16.74 4.73 -16.01
N TYR A 13 -16.17 4.65 -14.80
CA TYR A 13 -15.98 3.37 -14.15
C TYR A 13 -16.98 3.11 -13.02
N ASP A 14 -17.97 4.00 -12.85
CA ASP A 14 -18.93 3.92 -11.75
C ASP A 14 -18.20 3.71 -10.42
N ALA A 15 -17.31 4.64 -10.14
CA ALA A 15 -16.35 4.47 -9.06
C ALA A 15 -16.18 5.73 -8.24
N ARG A 16 -15.60 5.57 -7.05
CA ARG A 16 -15.07 6.68 -6.30
C ARG A 16 -13.55 6.61 -6.37
N LEU A 17 -12.90 7.71 -6.71
CA LEU A 17 -11.46 7.77 -6.89
C LEU A 17 -10.82 8.78 -5.94
N GLY A 18 -9.68 8.40 -5.36
CA GLY A 18 -8.93 9.32 -4.52
C GLY A 18 -7.49 9.38 -4.99
N VAL A 19 -6.93 10.59 -5.05
CA VAL A 19 -5.56 10.77 -5.53
C VAL A 19 -4.82 11.75 -4.64
N TYR A 20 -3.58 11.44 -4.29
CA TYR A 20 -2.71 12.44 -3.69
C TYR A 20 -1.29 12.31 -4.18
N VAL A 21 -0.73 13.44 -4.61
CA VAL A 21 0.68 13.57 -4.90
C VAL A 21 1.19 14.74 -4.08
N PRO A 22 2.09 14.50 -3.12
CA PRO A 22 2.58 15.62 -2.31
C PRO A 22 3.30 16.68 -3.13
N ALA A 23 3.22 17.91 -2.66
CA ALA A 23 3.97 19.01 -3.24
C ALA A 23 5.47 18.75 -3.15
N THR A 24 6.21 19.32 -4.08
CA THR A 24 7.66 19.30 -4.00
C THR A 24 8.13 20.75 -4.05
N GLY A 25 9.44 20.95 -4.11
CA GLY A 25 10.00 22.29 -4.19
C GLY A 25 9.52 23.05 -5.41
N THR A 26 9.16 22.33 -6.47
CA THR A 26 8.83 22.96 -7.75
C THR A 26 7.44 22.62 -8.28
N THR A 27 6.72 21.73 -7.61
CA THR A 27 5.40 21.32 -8.08
C THR A 27 4.36 21.38 -6.97
N ALA A 28 3.13 21.68 -7.37
CA ALA A 28 2.03 21.74 -6.41
C ALA A 28 1.53 20.35 -6.10
N ALA A 29 0.91 20.20 -4.94
CA ALA A 29 0.22 18.95 -4.64
C ALA A 29 -0.88 18.70 -5.65
N ILE A 30 -1.07 17.44 -6.00
CA ILE A 30 -2.23 17.01 -6.75
C ILE A 30 -3.17 16.30 -5.78
N GLU A 31 -4.42 16.72 -5.73
CA GLU A 31 -5.33 16.11 -4.79
C GLU A 31 -6.76 16.01 -5.31
N TYR A 32 -7.35 14.84 -5.10
CA TYR A 32 -8.73 14.60 -5.47
C TYR A 32 -9.31 13.63 -4.45
N ARG A 33 -10.31 14.09 -3.70
CA ARG A 33 -10.83 13.33 -2.56
C ARG A 33 -9.72 12.85 -1.63
N ALA A 34 -8.67 13.65 -1.49
CA ALA A 34 -7.43 13.21 -0.85
C ALA A 34 -7.58 13.00 0.65
N ASP A 35 -8.57 13.64 1.26
CA ASP A 35 -8.79 13.50 2.69
C ASP A 35 -10.02 12.65 3.02
N GLU A 36 -10.61 12.03 2.01
CA GLU A 36 -11.68 11.05 2.22
C GLU A 36 -11.07 9.70 2.61
N ARG A 37 -11.78 8.93 3.43
CA ARG A 37 -11.30 7.63 3.85
C ARG A 37 -11.56 6.56 2.79
N PHE A 38 -10.55 5.72 2.58
CA PHE A 38 -10.63 4.55 1.71
C PHE A 38 -10.01 3.39 2.50
N ALA A 39 -10.48 2.17 2.26
CA ALA A 39 -9.86 1.00 2.86
C ALA A 39 -8.42 0.86 2.41
N PHE A 40 -7.51 0.67 3.37
CA PHE A 40 -6.11 0.29 3.10
C PHE A 40 -6.03 -0.83 2.06
N CYS A 41 -6.80 -1.87 2.32
CA CYS A 41 -6.57 -3.19 1.75
C CYS A 41 -5.06 -3.49 1.90
N SER A 42 -4.45 -4.17 0.94
CA SER A 42 -3.10 -4.63 1.16
C SER A 42 -2.01 -3.58 1.06
N THR A 43 -2.37 -2.32 0.81
CA THR A 43 -1.33 -1.29 0.79
C THR A 43 -0.67 -1.17 2.16
N PHE A 44 -1.35 -1.58 3.23
CA PHE A 44 -0.75 -1.50 4.57
C PHE A 44 0.48 -2.37 4.73
N LYS A 45 0.65 -3.36 3.86
CA LYS A 45 1.76 -4.30 3.96
C LYS A 45 3.12 -3.62 3.77
N ALA A 46 3.16 -2.51 3.02
CA ALA A 46 4.41 -1.78 2.88
C ALA A 46 4.85 -1.10 4.20
N PRO A 47 4.00 -0.25 4.83
CA PRO A 47 4.43 0.29 6.13
C PRO A 47 4.51 -0.76 7.24
N LEU A 48 3.83 -1.88 7.10
CA LEU A 48 3.97 -3.00 8.04
C LEU A 48 5.40 -3.50 8.05
N VAL A 49 5.95 -3.71 6.85
CA VAL A 49 7.34 -4.16 6.73
C VAL A 49 8.26 -3.09 7.32
N ALA A 50 7.97 -1.81 7.11
CA ALA A 50 8.76 -0.74 7.71
C ALA A 50 8.73 -0.83 9.23
N ALA A 51 7.57 -1.12 9.80
CA ALA A 51 7.45 -1.25 11.26
C ALA A 51 8.33 -2.37 11.79
N VAL A 52 8.32 -3.50 11.11
CA VAL A 52 9.12 -4.64 11.53
C VAL A 52 10.61 -4.31 11.40
N LEU A 53 11.00 -3.70 10.29
CA LEU A 53 12.39 -3.29 10.11
C LEU A 53 12.83 -2.33 11.20
N HIS A 54 11.98 -1.34 11.49
CA HIS A 54 12.29 -0.29 12.47
C HIS A 54 12.56 -0.87 13.87
N GLN A 55 11.76 -1.85 14.25
CA GLN A 55 11.69 -2.36 15.62
C GLN A 55 12.75 -3.41 15.97
N ASN A 56 13.53 -3.85 14.97
CA ASN A 56 14.43 -4.99 15.14
C ASN A 56 15.77 -4.79 14.46
N PRO A 57 16.81 -5.47 14.96
CA PRO A 57 18.08 -5.49 14.23
C PRO A 57 17.95 -6.25 12.90
N LEU A 58 18.88 -6.03 12.00
CA LEU A 58 18.91 -6.76 10.72
C LEU A 58 18.95 -8.26 10.89
N THR A 59 19.60 -8.76 11.95
CA THR A 59 19.63 -10.20 12.17
C THR A 59 18.24 -10.82 12.37
N HIS A 60 17.26 -9.99 12.74
CA HIS A 60 15.88 -10.47 12.90
C HIS A 60 15.32 -10.98 11.57
N LEU A 61 15.85 -10.49 10.47
CA LEU A 61 15.39 -10.93 9.16
C LEU A 61 15.69 -12.41 8.94
N ASP A 62 16.64 -12.96 9.69
CA ASP A 62 17.02 -14.35 9.50
C ASP A 62 16.38 -15.31 10.48
N LYS A 63 15.46 -14.80 11.30
CA LYS A 63 14.70 -15.64 12.23
C LYS A 63 13.65 -16.45 11.46
N LEU A 64 13.61 -17.75 11.70
CA LEU A 64 12.67 -18.63 11.02
C LEU A 64 11.35 -18.67 11.77
N ILE A 65 10.25 -18.43 11.04
CA ILE A 65 8.90 -18.51 11.59
C ILE A 65 8.21 -19.76 11.07
N THR A 66 7.65 -20.55 11.98
CA THR A 66 6.89 -21.74 11.59
C THR A 66 5.42 -21.45 11.72
N TYR A 67 4.64 -22.06 10.83
CA TYR A 67 3.19 -21.86 10.79
C TYR A 67 2.55 -23.11 10.21
N THR A 68 1.22 -23.20 10.31
CA THR A 68 0.51 -24.37 9.83
C THR A 68 -0.40 -24.05 8.66
N SER A 69 -0.95 -25.09 8.06
CA SER A 69 -1.87 -24.93 6.94
C SER A 69 -3.12 -24.19 7.41
N ASP A 70 -3.55 -24.49 8.63
CA ASP A 70 -4.73 -23.84 9.18
C ASP A 70 -4.48 -22.36 9.45
N ASP A 71 -3.20 -21.98 9.55
CA ASP A 71 -2.84 -20.57 9.72
C ASP A 71 -3.03 -19.74 8.44
N ILE A 72 -3.15 -20.42 7.31
CA ILE A 72 -3.35 -19.76 6.03
C ILE A 72 -4.83 -19.51 5.83
N ARG A 73 -5.22 -18.25 5.99
CA ARG A 73 -6.62 -17.86 6.01
C ARG A 73 -6.91 -16.73 5.04
N SER A 74 -5.93 -16.46 4.17
CA SER A 74 -6.04 -15.38 3.18
C SER A 74 -5.14 -15.72 2.00
N ILE A 75 -5.32 -15.04 0.88
CA ILE A 75 -4.52 -15.31 -0.31
C ILE A 75 -3.04 -15.09 0.01
N SER A 76 -2.24 -16.13 -0.23
CA SER A 76 -0.87 -16.21 0.24
C SER A 76 0.01 -16.95 -0.76
N PRO A 77 0.36 -16.29 -1.86
CA PRO A 77 1.02 -17.00 -2.96
C PRO A 77 2.34 -17.65 -2.56
N VAL A 78 3.04 -17.06 -1.59
CA VAL A 78 4.33 -17.63 -1.19
C VAL A 78 4.17 -18.57 0.00
N ALA A 79 3.47 -18.13 1.03
CA ALA A 79 3.36 -18.91 2.25
C ALA A 79 2.69 -20.26 2.03
N GLN A 80 1.80 -20.35 1.04
CA GLN A 80 1.16 -21.63 0.70
C GLN A 80 2.18 -22.73 0.45
N GLN A 81 3.34 -22.35 -0.07
CA GLN A 81 4.33 -23.33 -0.50
C GLN A 81 5.41 -23.62 0.53
N HIS A 82 5.28 -23.06 1.74
CA HIS A 82 6.37 -23.23 2.71
C HIS A 82 5.91 -23.61 4.10
N VAL A 83 4.76 -24.26 4.20
CA VAL A 83 4.27 -24.75 5.49
C VAL A 83 5.28 -25.67 6.17
N ALA A 84 5.88 -26.57 5.40
CA ALA A 84 6.76 -27.58 5.96
C ALA A 84 8.09 -27.00 6.47
N THR A 85 8.59 -25.98 5.77
CA THR A 85 9.91 -25.44 6.07
C THR A 85 9.88 -24.21 6.97
N GLY A 86 8.76 -23.50 6.93
CA GLY A 86 8.67 -22.19 7.53
C GLY A 86 9.23 -21.14 6.59
N MET A 87 9.17 -19.89 7.05
CA MET A 87 9.75 -18.77 6.32
C MET A 87 10.46 -17.83 7.29
N THR A 88 11.56 -17.23 6.84
CA THR A 88 12.23 -16.26 7.70
C THR A 88 11.46 -14.95 7.70
N ILE A 89 11.70 -14.12 8.70
CA ILE A 89 11.09 -12.79 8.74
C ILE A 89 11.37 -12.02 7.45
N GLY A 90 12.60 -12.08 6.94
CA GLY A 90 12.94 -11.43 5.68
C GLY A 90 12.13 -11.94 4.49
N GLN A 91 11.99 -13.27 4.40
CA GLN A 91 11.17 -13.89 3.37
C GLN A 91 9.70 -13.49 3.50
N LEU A 92 9.22 -13.33 4.72
CA LEU A 92 7.86 -12.85 4.93
C LEU A 92 7.70 -11.41 4.47
N CYS A 93 8.69 -10.56 4.74
CA CYS A 93 8.66 -9.18 4.24
C CYS A 93 8.61 -9.14 2.72
N ASP A 94 9.48 -9.93 2.10
CA ASP A 94 9.57 -10.03 0.64
C ASP A 94 8.20 -10.44 0.07
N ALA A 95 7.61 -11.47 0.65
CA ALA A 95 6.34 -12.00 0.16
C ALA A 95 5.18 -11.04 0.38
N ALA A 96 5.16 -10.39 1.55
CA ALA A 96 4.10 -9.45 1.89
C ALA A 96 4.06 -8.32 0.89
N ILE A 97 5.22 -7.80 0.52
CA ILE A 97 5.24 -6.70 -0.43
C ILE A 97 5.13 -7.17 -1.88
N ARG A 98 5.94 -8.13 -2.30
CA ARG A 98 6.06 -8.45 -3.71
C ARG A 98 4.93 -9.32 -4.25
N TYR A 99 4.27 -10.07 -3.38
CA TYR A 99 3.15 -10.93 -3.79
C TYR A 99 1.89 -10.64 -3.02
N SER A 100 1.93 -9.60 -2.19
CA SER A 100 0.80 -9.20 -1.36
C SER A 100 0.32 -10.38 -0.49
N ASP A 101 1.26 -11.15 0.03
CA ASP A 101 0.94 -12.38 0.75
C ASP A 101 0.27 -12.08 2.09
N GLY A 102 -0.94 -12.59 2.27
CA GLY A 102 -1.70 -12.28 3.46
C GLY A 102 -1.26 -12.99 4.73
N THR A 103 -0.84 -14.25 4.60
CA THR A 103 -0.32 -14.96 5.76
C THR A 103 0.98 -14.32 6.21
N ALA A 104 1.82 -13.94 5.25
CA ALA A 104 3.04 -13.22 5.58
C ALA A 104 2.69 -11.94 6.37
N ALA A 105 1.69 -11.18 5.90
CA ALA A 105 1.29 -9.99 6.61
C ALA A 105 0.81 -10.30 8.04
N ASN A 106 -0.01 -11.34 8.19
CA ASN A 106 -0.51 -11.68 9.51
C ASN A 106 0.62 -12.12 10.45
N LEU A 107 1.59 -12.85 9.92
CA LEU A 107 2.72 -13.29 10.74
C LEU A 107 3.60 -12.10 11.15
N LEU A 108 3.76 -11.13 10.25
CA LEU A 108 4.50 -9.92 10.58
C LEU A 108 3.75 -9.08 11.60
N LEU A 109 2.43 -8.99 11.49
CA LEU A 109 1.62 -8.33 12.52
C LEU A 109 1.85 -9.00 13.88
N ALA A 110 1.81 -10.32 13.91
CA ALA A 110 2.05 -11.08 15.13
C ALA A 110 3.43 -10.78 15.69
N ASP A 111 4.40 -10.58 14.79
CA ASP A 111 5.78 -10.30 15.19
C ASP A 111 5.89 -8.96 15.88
N LEU A 112 5.05 -8.00 15.52
CA LEU A 112 5.02 -6.71 16.21
C LEU A 112 4.56 -6.88 17.65
N GLY A 113 3.69 -7.85 17.88
CA GLY A 113 3.16 -8.14 19.21
C GLY A 113 2.06 -7.20 19.68
N GLY A 114 1.57 -7.44 20.89
CA GLY A 114 0.57 -6.57 21.49
C GLY A 114 -0.85 -6.94 21.10
N PRO A 115 -1.83 -6.15 21.57
CA PRO A 115 -3.26 -6.40 21.36
C PRO A 115 -3.66 -6.42 19.89
N GLY A 116 -4.76 -7.09 19.58
CA GLY A 116 -5.27 -7.13 18.23
C GLY A 116 -4.36 -7.88 17.26
N GLY A 117 -3.53 -8.77 17.80
CA GLY A 117 -2.63 -9.55 16.98
C GLY A 117 -1.61 -8.71 16.23
N GLY A 118 -1.28 -7.56 16.78
CA GLY A 118 -0.31 -6.67 16.16
C GLY A 118 -0.92 -5.43 15.52
N THR A 119 -2.24 -5.40 15.36
CA THR A 119 -2.87 -4.28 14.67
C THR A 119 -2.73 -2.96 15.43
N ALA A 120 -2.77 -3.03 16.76
CA ALA A 120 -2.60 -1.84 17.58
C ALA A 120 -1.17 -1.29 17.47
N ALA A 121 -0.20 -2.21 17.45
CA ALA A 121 1.20 -1.84 17.30
C ALA A 121 1.45 -1.20 15.94
N PHE A 122 0.82 -1.75 14.90
CA PHE A 122 0.96 -1.20 13.57
C PHE A 122 0.42 0.23 13.50
N THR A 123 -0.77 0.42 14.07
CA THR A 123 -1.37 1.73 14.11
C THR A 123 -0.48 2.70 14.89
N GLY A 124 0.08 2.21 15.99
CA GLY A 124 1.01 2.99 16.78
C GLY A 124 2.24 3.41 15.98
N TYR A 125 2.73 2.52 15.12
CA TYR A 125 3.87 2.87 14.28
C TYR A 125 3.51 4.02 13.34
N LEU A 126 2.31 3.96 12.77
CA LEU A 126 1.87 5.06 11.92
C LEU A 126 1.81 6.36 12.71
N ARG A 127 1.32 6.31 13.94
CA ARG A 127 1.26 7.50 14.78
C ARG A 127 2.65 8.09 14.99
N SER A 128 3.65 7.21 15.09
CA SER A 128 5.03 7.67 15.28
C SER A 128 5.58 8.41 14.06
N LEU A 129 4.90 8.26 12.92
CA LEU A 129 5.28 8.96 11.70
C LEU A 129 4.38 10.16 11.44
N GLY A 130 3.59 10.55 12.44
CA GLY A 130 2.75 11.73 12.33
C GLY A 130 1.41 11.49 11.67
N ASP A 131 1.11 10.23 11.35
CA ASP A 131 -0.18 9.85 10.79
C ASP A 131 -1.17 9.63 11.93
N THR A 132 -2.09 10.58 12.12
CA THR A 132 -3.12 10.47 13.15
C THR A 132 -4.44 10.03 12.55
N VAL A 133 -4.41 9.74 11.25
CA VAL A 133 -5.62 9.48 10.48
C VAL A 133 -5.90 7.99 10.28
N SER A 134 -4.88 7.26 9.84
CA SER A 134 -5.08 5.86 9.48
C SER A 134 -5.31 4.99 10.69
N ARG A 135 -6.00 3.88 10.47
CA ARG A 135 -6.23 2.90 11.53
C ARG A 135 -6.32 1.50 10.95
N LEU A 136 -5.71 0.54 11.63
CA LEU A 136 -5.86 -0.86 11.29
C LEU A 136 -6.52 -1.57 12.46
N ASP A 137 -7.62 -2.26 12.17
CA ASP A 137 -8.46 -2.85 13.20
C ASP A 137 -8.58 -4.37 13.10
N ALA A 138 -8.18 -4.91 11.95
CA ALA A 138 -8.31 -6.34 11.68
C ALA A 138 -7.13 -6.82 10.87
N GLU A 139 -6.93 -8.13 10.82
CA GLU A 139 -5.87 -8.66 9.97
C GLU A 139 -6.45 -9.20 8.66
N GLU A 140 -5.63 -9.90 7.89
CA GLU A 140 -6.11 -10.47 6.63
C GLU A 140 -6.94 -11.71 6.88
N PRO A 141 -8.02 -11.90 6.12
CA PRO A 141 -8.52 -11.07 5.00
C PRO A 141 -9.62 -10.08 5.39
N GLU A 142 -10.02 -10.09 6.66
CA GLU A 142 -11.13 -9.25 7.12
C GLU A 142 -10.95 -7.76 6.82
N LEU A 143 -9.70 -7.28 6.86
CA LEU A 143 -9.45 -5.85 6.68
C LEU A 143 -9.85 -5.32 5.30
N ALA A 144 -10.03 -6.21 4.33
CA ALA A 144 -10.39 -5.78 2.97
C ALA A 144 -11.89 -5.79 2.69
N ARG A 145 -12.68 -6.08 3.72
CA ARG A 145 -14.07 -6.46 3.51
C ARG A 145 -15.06 -5.63 4.31
N ASP A 146 -14.60 -4.57 4.97
CA ASP A 146 -15.50 -3.71 5.72
C ASP A 146 -16.43 -2.99 4.76
N PRO A 147 -17.67 -2.71 5.16
CA PRO A 147 -18.56 -1.99 4.26
C PRO A 147 -18.08 -0.57 3.96
N PRO A 148 -18.37 -0.07 2.75
CA PRO A 148 -18.09 1.33 2.41
C PRO A 148 -18.69 2.27 3.46
N GLY A 149 -17.89 3.20 3.99
CA GLY A 149 -18.33 4.11 5.03
C GLY A 149 -17.82 3.75 6.42
N ASP A 150 -17.55 2.48 6.61
CA ASP A 150 -16.95 1.99 7.85
C ASP A 150 -15.54 2.57 8.00
N GLU A 151 -15.20 3.12 9.16
CA GLU A 151 -13.87 3.70 9.29
C GLU A 151 -12.80 2.71 9.65
N ARG A 152 -13.20 1.52 10.07
N ARG A 152 -13.21 1.52 10.06
CA ARG A 152 -12.23 0.50 10.42
CA ARG A 152 -12.28 0.45 10.36
C ARG A 152 -11.39 0.16 9.20
C ARG A 152 -11.37 0.24 9.17
N ASP A 153 -10.09 0.01 9.42
CA ASP A 153 -9.14 -0.39 8.38
C ASP A 153 -9.02 0.61 7.24
N THR A 154 -9.17 1.89 7.55
CA THR A 154 -9.07 2.94 6.51
C THR A 154 -7.88 3.87 6.69
N THR A 155 -7.50 4.48 5.56
CA THR A 155 -6.53 5.55 5.53
C THR A 155 -7.09 6.60 4.58
N THR A 156 -6.32 7.61 4.24
CA THR A 156 -6.70 8.53 3.17
C THR A 156 -5.54 8.60 2.17
N PRO A 157 -5.83 8.99 0.91
CA PRO A 157 -4.71 9.13 -0.02
C PRO A 157 -3.62 10.07 0.50
N HIS A 158 -4.05 11.17 1.13
CA HIS A 158 -3.14 12.15 1.71
C HIS A 158 -2.25 11.50 2.78
N ALA A 159 -2.88 10.80 3.71
CA ALA A 159 -2.17 10.24 4.84
C ALA A 159 -1.17 9.19 4.42
N ILE A 160 -1.58 8.28 3.55
N ILE A 160 -1.57 8.28 3.54
CA ILE A 160 -0.69 7.18 3.18
CA ILE A 160 -0.67 7.19 3.19
C ILE A 160 0.45 7.69 2.28
C ILE A 160 0.45 7.69 2.27
N ALA A 161 0.18 8.73 1.48
CA ALA A 161 1.23 9.35 0.67
C ALA A 161 2.33 9.93 1.57
N LEU A 162 1.94 10.66 2.60
CA LEU A 162 2.91 11.25 3.51
C LEU A 162 3.70 10.19 4.26
N VAL A 163 3.06 9.07 4.59
CA VAL A 163 3.76 7.97 5.24
C VAL A 163 4.79 7.37 4.27
N LEU A 164 4.37 7.08 3.04
CA LEU A 164 5.29 6.46 2.10
C LEU A 164 6.46 7.40 1.75
N GLN A 165 6.16 8.69 1.67
CA GLN A 165 7.21 9.68 1.45
C GLN A 165 8.30 9.59 2.52
N GLN A 166 7.91 9.54 3.78
CA GLN A 166 8.89 9.44 4.87
C GLN A 166 9.69 8.14 4.80
N LEU A 167 9.03 7.05 4.45
CA LEU A 167 9.67 5.74 4.45
C LEU A 167 10.72 5.59 3.34
N VAL A 168 10.39 6.10 2.17
CA VAL A 168 11.23 5.86 1.00
C VAL A 168 12.16 7.04 0.69
N LEU A 169 11.67 8.26 0.85
CA LEU A 169 12.46 9.44 0.48
C LEU A 169 13.00 10.16 1.70
N GLY A 170 12.38 9.94 2.85
CA GLY A 170 12.75 10.56 4.09
C GLY A 170 13.65 9.70 4.97
N ASN A 171 13.69 10.02 6.26
CA ASN A 171 14.61 9.35 7.17
CA ASN A 171 14.61 9.38 7.19
C ASN A 171 13.90 8.58 8.28
N ALA A 172 12.70 8.08 7.98
CA ALA A 172 11.99 7.23 8.94
C ALA A 172 12.81 5.96 9.23
N LEU A 173 13.52 5.47 8.23
CA LEU A 173 14.37 4.31 8.37
C LEU A 173 15.83 4.68 8.10
N PRO A 174 16.77 4.03 8.81
CA PRO A 174 18.18 4.25 8.44
C PRO A 174 18.44 3.70 7.05
N PRO A 175 19.47 4.19 6.37
CA PRO A 175 19.71 3.86 4.96
C PRO A 175 19.71 2.35 4.66
N ASP A 176 20.28 1.50 5.50
CA ASP A 176 20.35 0.11 5.10
C ASP A 176 18.94 -0.52 5.11
N LYS A 177 18.13 -0.17 6.10
CA LYS A 177 16.76 -0.70 6.17
C LYS A 177 15.87 -0.07 5.10
N ARG A 178 16.00 1.23 4.88
CA ARG A 178 15.30 1.92 3.81
C ARG A 178 15.53 1.26 2.46
N ALA A 179 16.75 0.80 2.22
CA ALA A 179 17.10 0.18 0.96
C ALA A 179 16.37 -1.15 0.78
N LEU A 180 16.12 -1.86 1.88
CA LEU A 180 15.39 -3.12 1.80
C LEU A 180 13.95 -2.89 1.40
N LEU A 181 13.30 -1.96 2.06
CA LEU A 181 11.91 -1.63 1.73
C LEU A 181 11.79 -1.19 0.28
N THR A 182 12.72 -0.33 -0.15
CA THR A 182 12.71 0.19 -1.50
C THR A 182 12.92 -0.91 -2.53
N ASP A 183 13.85 -1.82 -2.27
CA ASP A 183 14.11 -2.93 -3.17
C ASP A 183 12.90 -3.86 -3.28
N TRP A 184 12.26 -4.17 -2.17
CA TRP A 184 11.07 -5.03 -2.24
C TRP A 184 9.95 -4.37 -3.07
N MET A 185 9.69 -3.08 -2.85
CA MET A 185 8.68 -2.38 -3.64
C MET A 185 9.09 -2.26 -5.11
N ALA A 186 10.39 -2.10 -5.37
CA ALA A 186 10.87 -2.00 -6.73
C ALA A 186 10.67 -3.28 -7.53
N ARG A 187 10.64 -4.43 -6.84
CA ARG A 187 10.50 -5.70 -7.52
C ARG A 187 9.12 -6.32 -7.26
N ASN A 188 8.16 -5.46 -6.91
CA ASN A 188 6.77 -5.91 -6.78
C ASN A 188 6.28 -6.58 -8.05
N THR A 189 5.48 -7.64 -7.92
CA THR A 189 4.99 -8.39 -9.07
C THR A 189 3.53 -8.11 -9.40
N THR A 190 2.85 -7.34 -8.57
CA THR A 190 1.39 -7.21 -8.67
C THR A 190 0.88 -5.90 -9.27
N GLY A 191 1.79 -5.01 -9.68
CA GLY A 191 1.37 -3.65 -10.00
C GLY A 191 1.47 -3.20 -11.44
N ALA A 192 1.70 -4.12 -12.37
CA ALA A 192 2.00 -3.71 -13.74
C ALA A 192 0.85 -2.95 -14.40
N LYS A 193 -0.38 -3.20 -13.97
CA LYS A 193 -1.53 -2.63 -14.67
C LYS A 193 -2.11 -1.42 -13.94
N ARG A 194 -1.41 -0.93 -12.92
CA ARG A 194 -1.95 0.17 -12.12
C ARG A 194 -1.07 1.41 -12.34
N ILE A 195 -0.43 1.96 -11.30
CA ILE A 195 0.31 3.21 -11.51
C ILE A 195 1.38 3.03 -12.59
N ARG A 196 2.05 1.89 -12.60
CA ARG A 196 3.08 1.58 -13.60
C ARG A 196 2.57 1.77 -15.02
N ALA A 197 1.32 1.39 -15.28
CA ALA A 197 0.74 1.49 -16.61
C ALA A 197 0.43 2.93 -17.02
N GLY A 198 0.49 3.85 -16.06
CA GLY A 198 0.24 5.26 -16.34
C GLY A 198 1.48 6.10 -16.54
N PHE A 199 2.65 5.54 -16.25
CA PHE A 199 3.90 6.28 -16.35
C PHE A 199 4.74 5.72 -17.49
N PRO A 200 5.33 6.60 -18.31
CA PRO A 200 6.14 6.15 -19.44
C PRO A 200 7.33 5.32 -18.97
N ALA A 201 7.82 4.46 -19.86
CA ALA A 201 8.87 3.50 -19.51
C ALA A 201 10.16 4.13 -18.98
N ASP A 202 10.43 5.38 -19.32
CA ASP A 202 11.65 6.00 -18.84
C ASP A 202 11.51 6.59 -17.41
N TRP A 203 10.34 6.38 -16.80
CA TRP A 203 10.15 6.65 -15.38
C TRP A 203 10.32 5.37 -14.59
N LYS A 204 11.01 5.44 -13.46
CA LYS A 204 11.10 4.31 -12.52
C LYS A 204 9.87 4.33 -11.62
N VAL A 205 9.29 3.16 -11.34
CA VAL A 205 8.13 3.06 -10.45
C VAL A 205 8.37 1.94 -9.45
N ILE A 206 8.20 2.23 -8.16
CA ILE A 206 8.15 1.18 -7.13
C ILE A 206 6.78 1.30 -6.47
N ASP A 207 6.16 0.20 -6.08
CA ASP A 207 4.78 0.30 -5.61
C ASP A 207 4.34 -0.84 -4.71
N LYS A 208 3.17 -0.64 -4.10
CA LYS A 208 2.46 -1.66 -3.34
C LYS A 208 0.98 -1.49 -3.62
N THR A 209 0.33 -2.57 -4.09
CA THR A 209 -1.07 -2.55 -4.46
C THR A 209 -1.97 -2.94 -3.29
N GLY A 210 -3.27 -2.72 -3.48
CA GLY A 210 -4.30 -3.21 -2.58
C GLY A 210 -5.53 -3.56 -3.38
N THR A 211 -6.19 -4.67 -3.04
CA THR A 211 -7.41 -5.08 -3.71
C THR A 211 -8.41 -5.58 -2.68
N GLY A 212 -9.68 -5.22 -2.84
CA GLY A 212 -10.66 -5.61 -1.84
C GLY A 212 -12.04 -5.78 -2.43
N ASP A 213 -13.00 -6.12 -1.58
CA ASP A 213 -14.37 -6.23 -2.03
C ASP A 213 -14.93 -4.83 -2.28
N TYR A 214 -16.17 -4.76 -2.75
CA TYR A 214 -16.77 -3.51 -3.17
C TYR A 214 -15.91 -2.82 -4.24
N GLY A 215 -15.28 -3.63 -5.07
CA GLY A 215 -14.51 -3.13 -6.20
C GLY A 215 -13.33 -2.26 -5.82
N ARG A 216 -12.70 -2.57 -4.70
CA ARG A 216 -11.57 -1.79 -4.23
C ARG A 216 -10.29 -2.11 -4.97
N ALA A 217 -9.67 -1.07 -5.49
CA ALA A 217 -8.35 -1.19 -6.11
C ALA A 217 -7.53 0.04 -5.74
N ASN A 218 -6.39 -0.19 -5.11
CA ASN A 218 -5.47 0.85 -4.67
C ASN A 218 -4.07 0.60 -5.20
N ASP A 219 -3.27 1.65 -5.25
CA ASP A 219 -1.84 1.50 -5.52
C ASP A 219 -1.15 2.68 -4.89
N ILE A 220 -0.06 2.44 -4.18
CA ILE A 220 0.79 3.53 -3.69
C ILE A 220 2.19 3.34 -4.26
N ALA A 221 2.79 4.43 -4.71
CA ALA A 221 4.06 4.33 -5.42
C ALA A 221 4.98 5.49 -5.14
N VAL A 222 6.26 5.25 -5.31
CA VAL A 222 7.23 6.33 -5.51
C VAL A 222 7.73 6.20 -6.93
N VAL A 223 7.78 7.31 -7.64
CA VAL A 223 8.21 7.30 -9.03
C VAL A 223 9.38 8.27 -9.19
N TRP A 224 10.26 7.99 -10.14
CA TRP A 224 11.37 8.89 -10.47
C TRP A 224 11.29 9.24 -11.94
N SER A 225 11.43 10.53 -12.23
CA SER A 225 11.39 11.04 -13.59
C SER A 225 12.62 10.58 -14.38
N PRO A 226 12.60 10.78 -15.70
CA PRO A 226 13.77 10.35 -16.47
C PRO A 226 15.07 11.05 -16.06
N THR A 227 14.97 12.15 -15.33
CA THR A 227 16.15 12.86 -14.82
C THR A 227 16.37 12.65 -13.32
N GLY A 228 15.61 11.73 -12.73
CA GLY A 228 15.85 11.31 -11.35
C GLY A 228 15.09 12.06 -10.27
N VAL A 229 14.08 12.83 -10.65
CA VAL A 229 13.30 13.61 -9.69
C VAL A 229 12.16 12.75 -9.16
N PRO A 230 12.08 12.60 -7.82
CA PRO A 230 11.08 11.70 -7.24
C PRO A 230 9.73 12.34 -6.90
N TYR A 231 8.67 11.53 -7.00
CA TYR A 231 7.34 11.95 -6.60
C TYR A 231 6.66 10.77 -5.92
N VAL A 232 5.77 11.06 -4.98
CA VAL A 232 4.97 10.02 -4.34
C VAL A 232 3.56 10.07 -4.92
N VAL A 233 2.99 8.92 -5.28
CA VAL A 233 1.68 8.86 -5.89
C VAL A 233 0.80 7.85 -5.17
N ALA A 234 -0.31 8.31 -4.62
CA ALA A 234 -1.27 7.41 -4.00
C ALA A 234 -2.59 7.49 -4.75
N VAL A 235 -3.08 6.35 -5.19
N VAL A 235 -3.06 6.36 -5.27
CA VAL A 235 -4.35 6.28 -5.89
CA VAL A 235 -4.38 6.32 -5.87
C VAL A 235 -5.23 5.17 -5.30
C VAL A 235 -5.20 5.21 -5.21
N MET A 236 -6.45 5.53 -4.89
CA MET A 236 -7.34 4.61 -4.19
C MET A 236 -8.70 4.65 -4.86
N SER A 237 -9.41 3.53 -4.86
CA SER A 237 -10.70 3.51 -5.52
C SER A 237 -11.60 2.44 -4.95
N ASP A 238 -12.90 2.66 -5.10
CA ASP A 238 -13.88 1.65 -4.79
C ASP A 238 -15.06 1.81 -5.72
N ARG A 239 -15.88 0.78 -5.79
CA ARG A 239 -17.06 0.79 -6.65
C ARG A 239 -18.27 0.30 -5.85
N ALA A 240 -18.57 1.02 -4.78
CA ALA A 240 -19.63 0.65 -3.85
C ALA A 240 -21.00 0.49 -4.52
N GLY A 241 -21.20 1.17 -5.65
CA GLY A 241 -22.47 1.09 -6.36
C GLY A 241 -22.79 -0.29 -6.87
N GLY A 242 -21.75 -1.12 -7.02
CA GLY A 242 -21.92 -2.49 -7.49
C GLY A 242 -22.00 -3.51 -6.36
N GLY A 243 -21.99 -3.04 -5.12
CA GLY A 243 -22.07 -3.93 -3.99
C GLY A 243 -20.79 -4.71 -3.71
N TYR A 244 -20.89 -5.67 -2.81
CA TYR A 244 -19.76 -6.47 -2.34
C TYR A 244 -18.97 -7.12 -3.47
N ASP A 245 -19.69 -7.63 -4.46
CA ASP A 245 -19.10 -8.38 -5.55
C ASP A 245 -18.57 -7.52 -6.71
N ALA A 246 -18.64 -6.20 -6.57
CA ALA A 246 -18.22 -5.31 -7.67
C ALA A 246 -16.78 -5.61 -8.08
N GLU A 247 -16.51 -5.64 -9.38
CA GLU A 247 -15.17 -5.96 -9.84
C GLU A 247 -14.24 -4.76 -9.68
N PRO A 248 -13.05 -4.97 -9.12
CA PRO A 248 -12.07 -3.89 -9.13
C PRO A 248 -11.67 -3.51 -10.56
N ARG A 249 -11.40 -2.23 -10.80
CA ARG A 249 -11.02 -1.78 -12.14
C ARG A 249 -9.61 -1.19 -12.16
N GLU A 250 -8.64 -2.01 -12.55
CA GLU A 250 -7.27 -1.54 -12.64
C GLU A 250 -7.11 -0.40 -13.64
N ALA A 251 -7.88 -0.41 -14.71
CA ALA A 251 -7.76 0.63 -15.73
C ALA A 251 -8.09 2.00 -15.17
N LEU A 252 -8.96 2.04 -14.16
CA LEU A 252 -9.25 3.32 -13.52
C LEU A 252 -7.98 3.91 -12.90
N LEU A 253 -7.21 3.06 -12.21
CA LEU A 253 -5.96 3.51 -11.61
C LEU A 253 -4.92 3.88 -12.67
N ALA A 254 -4.84 3.08 -13.72
CA ALA A 254 -3.89 3.37 -14.81
C ALA A 254 -4.23 4.71 -15.48
N GLU A 255 -5.52 4.95 -15.74
CA GLU A 255 -5.91 6.23 -16.35
C GLU A 255 -5.62 7.39 -15.41
N ALA A 256 -5.95 7.24 -14.13
CA ALA A 256 -5.66 8.31 -13.18
C ALA A 256 -4.17 8.61 -13.11
N ALA A 257 -3.37 7.55 -13.06
CA ALA A 257 -1.91 7.71 -13.04
C ALA A 257 -1.39 8.40 -14.31
N THR A 258 -2.03 8.14 -15.45
CA THR A 258 -1.62 8.77 -16.72
C THR A 258 -1.86 10.26 -16.65
N CYS A 259 -2.98 10.64 -16.04
CA CYS A 259 -3.27 12.05 -15.83
C CYS A 259 -2.19 12.68 -14.99
N VAL A 260 -1.83 12.01 -13.90
CA VAL A 260 -0.79 12.53 -13.02
C VAL A 260 0.53 12.66 -13.76
N ALA A 261 0.90 11.63 -14.51
CA ALA A 261 2.20 11.59 -15.20
C ALA A 261 2.32 12.74 -16.21
N GLY A 262 1.22 13.07 -16.87
CA GLY A 262 1.22 14.18 -17.82
C GLY A 262 1.51 15.51 -17.16
N VAL A 263 0.95 15.71 -15.98
CA VAL A 263 1.17 16.93 -15.22
C VAL A 263 2.60 17.00 -14.69
N LEU A 264 3.16 15.86 -14.30
CA LEU A 264 4.50 15.84 -13.72
C LEU A 264 5.63 15.87 -14.75
N ALA A 265 5.33 15.52 -15.99
CA ALA A 265 6.33 15.50 -17.06
C ALA A 265 6.90 16.89 -17.33
#